data_2BDB
#
_entry.id   2BDB
#
_cell.length_a   50.463
_cell.length_b   57.663
_cell.length_c   74.233
_cell.angle_alpha   90.00
_cell.angle_beta   90.00
_cell.angle_gamma   90.00
#
_symmetry.space_group_name_H-M   'P 21 21 21'
#
loop_
_entity.id
_entity.type
_entity.pdbx_description
1 polymer Elastase-1
2 non-polymer 'CALCIUM ION'
3 non-polymer 'SULFATE ION'
4 non-polymer ALANINE
5 water water
#
_entity_poly.entity_id   1
_entity_poly.type   'polypeptide(L)'
_entity_poly.pdbx_seq_one_letter_code
;VVGGTEAQRNSWPSQISLQYRSGSSWAHTCGGTLIRQNWVMTAAHCVDRELTFRVVVGEHNLNQNNGTEQYVGVQKIVVH
PYWNTDDVAAGYDIALLRLAQSVTLNSYVQLGVLPRAGTILANNSPCYITGWGLTRTNGQLAQTLQQAYLPTVDYAICSS
SSYWGSTVKNSMVCAGGDGVRSGCQGDSGGPLHCLVNGQYAVHGVTSFVSRLGCNVTRKPTVFTRVSAYISWINNVIASN
;
_entity_poly.pdbx_strand_id   A
#
# COMPACT_ATOMS: atom_id res chain seq x y z
N VAL A 1 6.86 -3.28 7.93
CA VAL A 1 7.10 -1.91 8.47
C VAL A 1 8.20 -2.03 9.48
N VAL A 2 9.27 -1.29 9.25
CA VAL A 2 10.43 -1.27 10.16
C VAL A 2 10.15 -0.09 11.12
N GLY A 3 10.39 -0.28 12.42
CA GLY A 3 10.20 0.81 13.37
C GLY A 3 8.74 1.18 13.62
N GLY A 4 7.86 0.22 13.42
CA GLY A 4 6.43 0.42 13.62
C GLY A 4 5.98 0.14 15.05
N THR A 5 4.70 0.34 15.29
CA THR A 5 4.04 -0.08 16.50
C THR A 5 2.80 -0.88 16.08
N GLU A 6 2.29 -1.74 16.97
CA GLU A 6 1.09 -2.50 16.58
C GLU A 6 -0.12 -1.56 16.45
N ALA A 7 -0.77 -1.59 15.28
CA ALA A 7 -2.02 -0.85 15.03
C ALA A 7 -3.15 -1.42 15.95
N GLN A 8 -4.03 -0.54 16.42
CA GLN A 8 -5.27 -1.03 17.02
C GLN A 8 -6.10 -1.70 15.93
N ARG A 9 -6.86 -2.71 16.32
CA ARG A 9 -7.72 -3.54 15.45
C ARG A 9 -8.68 -2.78 14.51
N ASN A 10 -9.13 -1.61 14.95
CA ASN A 10 -10.13 -0.84 14.18
C ASN A 10 -9.62 0.50 13.62
N SER A 11 -8.29 0.69 13.61
CA SER A 11 -7.74 1.97 13.16
C SER A 11 -7.80 2.17 11.66
N TRP A 12 -7.50 1.09 10.92
CA TRP A 12 -7.23 1.18 9.47
C TRP A 12 -8.06 0.12 8.73
N PRO A 13 -9.39 0.26 8.80
CA PRO A 13 -10.28 -0.80 8.32
C PRO A 13 -10.29 -1.01 6.81
N SER A 14 -9.67 -0.09 6.04
CA SER A 14 -9.54 -0.32 4.61
C SER A 14 -8.32 -1.16 4.24
N GLN A 15 -7.45 -1.44 5.21
CA GLN A 15 -6.24 -2.23 4.92
C GLN A 15 -6.65 -3.68 4.65
N ILE A 16 -6.11 -4.24 3.56
CA ILE A 16 -6.27 -5.68 3.27
C ILE A 16 -4.93 -6.41 3.17
N SER A 17 -4.99 -7.74 3.33
CA SER A 17 -3.85 -8.61 3.08
C SER A 17 -4.07 -9.31 1.73
N LEU A 18 -3.13 -9.13 0.78
CA LEU A 18 -3.19 -9.84 -0.49
C LEU A 18 -2.31 -11.06 -0.33
N GLN A 19 -2.88 -12.24 -0.56
CA GLN A 19 -2.19 -13.49 -0.27
C GLN A 19 -2.21 -14.35 -1.51
N TYR A 20 -1.24 -15.26 -1.60
CA TYR A 20 -1.22 -16.23 -2.70
C TYR A 20 -1.19 -17.64 -2.18
N ARG A 21 -1.72 -18.54 -3.00
CA ARG A 21 -1.85 -19.92 -2.59
C ARG A 21 -0.48 -20.55 -2.76
N SER A 22 -0.07 -21.28 -1.73
CA SER A 22 1.21 -21.97 -1.73
C SER A 22 0.93 -23.32 -1.11
N GLY A 23 0.91 -24.35 -1.96
CA GLY A 23 0.52 -25.70 -1.57
C GLY A 23 -0.88 -25.74 -1.01
N SER A 24 -0.98 -26.19 0.24
CA SER A 24 -2.24 -26.32 0.95
C SER A 24 -2.56 -25.07 1.78
N SER A 25 -1.66 -24.10 1.77
CA SER A 25 -1.89 -22.89 2.56
C SER A 25 -1.78 -21.60 1.75
N TRP A 26 -1.83 -20.48 2.46
CA TRP A 26 -1.86 -19.15 1.83
C TRP A 26 -0.72 -18.33 2.44
N ALA A 27 -0.09 -17.48 1.64
CA ALA A 27 1.02 -16.68 2.15
C ALA A 27 0.74 -15.22 1.89
N HIS A 28 0.89 -14.38 2.89
CA HIS A 28 0.82 -12.93 2.64
C HIS A 28 1.94 -12.48 1.75
N THR A 29 1.61 -11.69 0.71
CA THR A 29 2.64 -11.10 -0.15
C THR A 29 2.63 -9.56 -0.22
N CYS A 30 1.45 -8.93 -0.08
CA CYS A 30 1.33 -7.47 -0.24
C CYS A 30 0.17 -6.96 0.55
N GLY A 31 0.10 -5.64 0.72
CA GLY A 31 -1.10 -5.03 1.24
C GLY A 31 -1.92 -4.54 0.07
N GLY A 32 -3.05 -3.90 0.41
CA GLY A 32 -3.94 -3.22 -0.55
C GLY A 32 -4.92 -2.38 0.24
N THR A 33 -5.75 -1.63 -0.47
CA THR A 33 -6.74 -0.76 0.16
C THR A 33 -8.07 -1.13 -0.45
N LEU A 34 -9.04 -1.45 0.41
CA LEU A 34 -10.41 -1.73 -0.07
C LEU A 34 -11.01 -0.37 -0.51
N ILE A 35 -11.39 -0.26 -1.78
CA ILE A 35 -11.93 1.01 -2.27
C ILE A 35 -13.41 0.96 -2.66
N ARG A 36 -13.91 -0.25 -2.98
CA ARG A 36 -15.35 -0.50 -3.14
C ARG A 36 -15.59 -1.84 -2.48
N GLN A 37 -16.85 -2.21 -2.23
CA GLN A 37 -17.08 -3.51 -1.60
C GLN A 37 -16.50 -4.65 -2.42
N ASN A 38 -16.31 -4.43 -3.72
CA ASN A 38 -15.75 -5.49 -4.58
C ASN A 38 -14.52 -5.06 -5.35
N TRP A 39 -13.82 -4.02 -4.89
CA TRP A 39 -12.58 -3.62 -5.54
C TRP A 39 -11.49 -3.28 -4.51
N VAL A 40 -10.29 -3.74 -4.80
CA VAL A 40 -9.09 -3.45 -3.99
C VAL A 40 -8.04 -2.74 -4.86
N MET A 41 -7.42 -1.69 -4.30
CA MET A 41 -6.32 -0.99 -4.95
C MET A 41 -5.02 -1.51 -4.34
N THR A 42 -4.08 -1.90 -5.20
CA THR A 42 -2.81 -2.42 -4.74
C THR A 42 -1.73 -1.98 -5.75
N ALA A 43 -0.53 -2.52 -5.59
CA ALA A 43 0.58 -2.18 -6.50
C ALA A 43 0.61 -3.18 -7.65
N ALA A 44 0.88 -2.66 -8.86
CA ALA A 44 1.04 -3.53 -10.01
C ALA A 44 2.08 -4.62 -9.77
N HIS A 45 3.19 -4.29 -9.11
CA HIS A 45 4.26 -5.28 -8.98
C HIS A 45 3.85 -6.44 -8.09
N CYS A 46 2.78 -6.27 -7.33
CA CYS A 46 2.33 -7.33 -6.43
C CYS A 46 1.66 -8.44 -7.18
N VAL A 47 1.19 -8.12 -8.38
CA VAL A 47 0.46 -9.09 -9.19
C VAL A 47 1.14 -9.39 -10.54
N ASP A 48 2.46 -9.16 -10.62
CA ASP A 48 3.24 -9.57 -11.84
C ASP A 48 3.30 -11.10 -11.98
N ARG A 49 3.38 -11.83 -10.87
CA ARG A 49 3.49 -13.29 -10.93
C ARG A 49 2.14 -13.97 -11.25
N GLU A 50 2.22 -15.11 -11.93
CA GLU A 50 1.06 -15.86 -12.36
C GLU A 50 0.54 -16.73 -11.21
N LEU A 51 0.17 -16.10 -10.10
CA LEU A 51 -0.25 -16.83 -8.88
C LEU A 51 -1.76 -16.84 -8.69
N THR A 52 -2.25 -17.69 -7.79
CA THR A 52 -3.63 -17.61 -7.36
C THR A 52 -3.68 -16.68 -6.16
N PHE A 53 -4.48 -15.63 -6.24
CA PHE A 53 -4.52 -14.64 -5.17
C PHE A 53 -5.86 -14.64 -4.43
N ARG A 54 -5.83 -14.29 -3.15
CA ARG A 54 -7.09 -13.99 -2.44
C ARG A 54 -6.83 -12.75 -1.63
N VAL A 55 -7.93 -12.09 -1.26
CA VAL A 55 -7.85 -10.88 -0.44
C VAL A 55 -8.47 -11.24 0.91
N VAL A 56 -7.84 -10.81 1.99
CA VAL A 56 -8.43 -10.93 3.33
C VAL A 56 -8.73 -9.54 3.88
N VAL A 57 -10.00 -9.30 4.21
CA VAL A 57 -10.38 -8.03 4.84
C VAL A 57 -10.66 -8.31 6.30
N GLY A 58 -10.59 -7.29 7.16
CA GLY A 58 -10.85 -7.51 8.60
C GLY A 58 -9.75 -8.36 9.22
N GLU A 59 -8.57 -8.31 8.63
CA GLU A 59 -7.44 -9.08 9.14
C GLU A 59 -6.63 -8.24 10.12
N HIS A 60 -6.15 -8.87 11.20
CA HIS A 60 -5.24 -8.18 12.13
C HIS A 60 -3.97 -8.99 12.42
N ASN A 61 -4.18 -10.25 12.79
CA ASN A 61 -3.06 -11.13 13.04
C ASN A 61 -3.04 -12.22 11.95
N LEU A 62 -1.96 -12.26 11.17
CA LEU A 62 -1.88 -13.22 10.06
C LEU A 62 -1.84 -14.69 10.51
N ASN A 63 -1.40 -14.89 11.74
CA ASN A 63 -1.16 -16.25 12.26
C ASN A 63 -2.20 -16.74 13.25
N GLN A 64 -3.25 -15.95 13.49
CA GLN A 64 -4.33 -16.45 14.35
C GLN A 64 -5.70 -15.90 14.02
N ASN A 65 -6.74 -16.61 14.46
CA ASN A 65 -8.13 -16.22 14.19
C ASN A 65 -8.51 -14.97 14.97
N ASN A 66 -8.90 -13.93 14.25
CA ASN A 66 -9.32 -12.67 14.87
C ASN A 66 -10.83 -12.59 15.08
N GLY A 67 -11.55 -13.49 14.43
CA GLY A 67 -13.01 -13.50 14.49
C GLY A 67 -13.64 -12.41 13.66
N THR A 68 -12.87 -11.79 12.77
CA THR A 68 -13.37 -10.65 12.00
C THR A 68 -13.06 -10.76 10.50
N GLU A 69 -12.30 -11.78 10.12
CA GLU A 69 -11.81 -11.90 8.74
C GLU A 69 -12.90 -12.31 7.74
N GLN A 70 -12.80 -11.77 6.52
CA GLN A 70 -13.56 -12.27 5.36
C GLN A 70 -12.56 -12.58 4.29
N TYR A 71 -12.68 -13.76 3.69
CA TYR A 71 -11.73 -14.25 2.69
C TYR A 71 -12.42 -14.27 1.33
N VAL A 72 -11.80 -13.66 0.32
CA VAL A 72 -12.48 -13.55 -0.98
C VAL A 72 -11.49 -13.75 -2.12
N GLY A 73 -11.92 -14.50 -3.14
CA GLY A 73 -11.05 -14.68 -4.31
C GLY A 73 -10.95 -13.42 -5.17
N VAL A 74 -9.92 -13.39 -6.02
CA VAL A 74 -9.73 -12.29 -6.96
C VAL A 74 -10.25 -12.75 -8.32
N GLN A 75 -11.21 -11.99 -8.86
CA GLN A 75 -11.91 -12.33 -10.09
C GLN A 75 -11.27 -11.73 -11.34
N LYS A 76 -10.75 -10.50 -11.23
CA LYS A 76 -10.12 -9.85 -12.37
C LYS A 76 -9.03 -8.94 -11.85
N ILE A 77 -7.91 -8.89 -12.58
CA ILE A 77 -6.77 -8.05 -12.20
C ILE A 77 -6.53 -7.06 -13.32
N VAL A 78 -6.67 -5.78 -13.00
CA VAL A 78 -6.48 -4.70 -13.99
C VAL A 78 -5.25 -3.90 -13.61
N VAL A 79 -4.15 -4.17 -14.30
CA VAL A 79 -2.91 -3.45 -14.01
C VAL A 79 -2.86 -2.19 -14.86
N HIS A 80 -2.28 -1.11 -14.36
CA HIS A 80 -2.16 0.08 -15.20
C HIS A 80 -1.44 -0.31 -16.49
N PRO A 81 -2.01 0.06 -17.65
CA PRO A 81 -1.42 -0.36 -18.94
C PRO A 81 -0.04 0.17 -19.22
N TYR A 82 0.42 1.18 -18.49
CA TYR A 82 1.79 1.66 -18.69
C TYR A 82 2.82 1.03 -17.73
N TRP A 83 2.36 0.19 -16.81
CA TRP A 83 3.25 -0.50 -15.89
C TRP A 83 4.28 -1.35 -16.65
N ASN A 84 5.54 -1.26 -16.22
CA ASN A 84 6.62 -2.10 -16.76
C ASN A 84 7.43 -2.68 -15.60
N THR A 85 7.34 -3.99 -15.40
CA THR A 85 7.99 -4.68 -14.26
C THR A 85 9.49 -4.44 -14.16
N ASP A 86 10.11 -4.20 -15.33
CA ASP A 86 11.56 -3.96 -15.47
C ASP A 86 12.01 -2.56 -14.98
N ASP A 87 11.04 -1.72 -14.59
CA ASP A 87 11.26 -0.28 -14.42
C ASP A 87 10.28 0.30 -13.38
N VAL A 88 10.41 -0.09 -12.11
CA VAL A 88 9.47 0.41 -11.06
C VAL A 88 9.60 1.93 -10.96
N ALA A 89 10.81 2.42 -11.26
CA ALA A 89 11.12 3.85 -11.19
C ALA A 89 10.34 4.69 -12.20
N ALA A 90 9.81 4.05 -13.24
CA ALA A 90 8.99 4.74 -14.26
C ALA A 90 7.63 5.12 -13.70
N GLY A 91 7.20 4.38 -12.66
CA GLY A 91 5.91 4.62 -12.01
C GLY A 91 4.85 3.68 -12.57
N TYR A 92 3.59 4.11 -12.45
CA TYR A 92 2.43 3.30 -12.89
C TYR A 92 2.27 2.04 -12.03
N ASP A 93 2.85 2.05 -10.84
CA ASP A 93 2.81 0.84 -9.99
C ASP A 93 1.49 0.82 -9.23
N ILE A 94 0.45 0.43 -9.95
CA ILE A 94 -0.91 0.42 -9.39
C ILE A 94 -1.76 -0.59 -10.16
N ALA A 95 -2.66 -1.26 -9.43
CA ALA A 95 -3.56 -2.24 -10.05
C ALA A 95 -4.81 -2.28 -9.23
N LEU A 96 -5.90 -2.65 -9.90
CA LEU A 96 -7.18 -2.79 -9.23
C LEU A 96 -7.59 -4.24 -9.33
N LEU A 97 -8.06 -4.79 -8.22
CA LEU A 97 -8.49 -6.19 -8.17
C LEU A 97 -9.99 -6.19 -8.00
N ARG A 98 -10.72 -6.79 -8.93
CA ARG A 98 -12.15 -7.00 -8.73
C ARG A 98 -12.35 -8.30 -7.93
N LEU A 99 -13.05 -8.21 -6.81
CA LEU A 99 -13.24 -9.35 -5.92
C LEU A 99 -14.38 -10.26 -6.42
N ALA A 100 -14.25 -11.55 -6.13
CA ALA A 100 -15.27 -12.52 -6.60
C ALA A 100 -16.63 -12.34 -5.89
N GLN A 101 -16.59 -11.79 -4.68
CA GLN A 101 -17.79 -11.48 -3.90
C GLN A 101 -17.60 -10.09 -3.30
N SER A 102 -18.71 -9.39 -3.04
CA SER A 102 -18.65 -8.13 -2.30
C SER A 102 -18.54 -8.42 -0.82
N VAL A 103 -17.58 -7.78 -0.16
CA VAL A 103 -17.41 -7.92 1.28
C VAL A 103 -18.42 -7.09 2.07
N THR A 104 -18.67 -7.52 3.31
CA THR A 104 -19.58 -6.86 4.21
C THR A 104 -18.81 -5.82 5.03
N LEU A 105 -19.34 -4.61 5.10
CA LEU A 105 -18.68 -3.54 5.85
C LEU A 105 -19.05 -3.54 7.33
N ASN A 106 -18.09 -3.22 8.18
CA ASN A 106 -18.28 -3.11 9.63
C ASN A 106 -17.10 -2.33 10.26
N SER A 107 -16.93 -2.38 11.58
CA SER A 107 -15.85 -1.61 12.21
C SER A 107 -14.46 -1.97 11.70
N TYR A 108 -14.32 -3.19 11.17
CA TYR A 108 -13.03 -3.73 10.72
C TYR A 108 -12.84 -3.72 9.21
N VAL A 109 -13.90 -3.38 8.48
CA VAL A 109 -13.89 -3.48 7.02
C VAL A 109 -14.62 -2.26 6.52
N GLN A 110 -13.86 -1.29 5.99
CA GLN A 110 -14.46 -0.04 5.49
C GLN A 110 -13.75 0.34 4.20
N LEU A 111 -14.42 1.10 3.33
CA LEU A 111 -13.77 1.66 2.14
C LEU A 111 -12.75 2.75 2.52
N GLY A 112 -11.60 2.72 1.86
CA GLY A 112 -10.59 3.77 2.05
C GLY A 112 -11.05 5.06 1.38
N VAL A 113 -10.82 6.18 2.08
CA VAL A 113 -11.08 7.51 1.55
C VAL A 113 -9.94 7.89 0.62
N LEU A 114 -10.25 8.28 -0.61
CA LEU A 114 -9.21 8.67 -1.56
C LEU A 114 -9.18 10.19 -1.70
N PRO A 115 -8.00 10.75 -1.95
CA PRO A 115 -7.89 12.19 -2.13
C PRO A 115 -8.52 12.65 -3.43
N ARG A 116 -8.86 13.94 -3.51
CA ARG A 116 -9.36 14.47 -4.76
C ARG A 116 -8.20 14.49 -5.76
N ALA A 117 -8.54 14.37 -7.04
CA ALA A 117 -7.54 14.31 -8.11
C ALA A 117 -6.59 15.51 -8.03
N GLY A 118 -5.30 15.23 -8.17
CA GLY A 118 -4.30 16.28 -8.30
C GLY A 118 -3.76 16.77 -6.96
N THR A 119 -4.37 16.34 -5.86
CA THR A 119 -3.97 16.83 -4.52
C THR A 119 -2.53 16.47 -4.20
N ILE A 120 -1.76 17.46 -3.77
CA ILE A 120 -0.37 17.27 -3.34
C ILE A 120 -0.28 17.75 -1.90
N LEU A 121 0.41 16.96 -1.06
CA LEU A 121 0.62 17.30 0.35
C LEU A 121 1.84 18.20 0.54
N ALA A 122 1.72 19.15 1.48
CA ALA A 122 2.89 19.98 1.83
C ALA A 122 4.01 19.08 2.40
N ASN A 123 5.26 19.54 2.28
CA ASN A 123 6.38 18.82 2.89
C ASN A 123 6.07 18.56 4.37
N ASN A 124 6.56 17.41 4.86
CA ASN A 124 6.43 17.04 6.27
C ASN A 124 4.97 16.88 6.72
N SER A 125 4.08 16.50 5.80
CA SER A 125 2.69 16.27 6.18
C SER A 125 2.57 14.94 6.94
N PRO A 126 1.69 14.90 7.96
CA PRO A 126 1.57 13.70 8.79
C PRO A 126 0.86 12.51 8.12
N CYS A 127 1.57 11.39 8.05
CA CYS A 127 1.05 10.17 7.45
C CYS A 127 1.52 8.97 8.24
N TYR A 128 0.75 7.89 8.14
CA TYR A 128 1.15 6.58 8.69
C TYR A 128 1.17 5.57 7.56
N ILE A 129 2.24 4.78 7.49
CA ILE A 129 2.21 3.56 6.64
C ILE A 129 1.70 2.41 7.48
N THR A 130 0.92 1.49 6.88
CA THR A 130 0.50 0.33 7.62
C THR A 130 0.77 -0.94 6.81
N GLY A 131 1.01 -2.06 7.49
CA GLY A 131 1.22 -3.31 6.77
C GLY A 131 1.81 -4.43 7.61
N TRP A 132 1.89 -5.62 7.02
CA TRP A 132 2.48 -6.77 7.71
C TRP A 132 3.87 -7.09 7.17
N GLY A 133 4.46 -6.13 6.46
CA GLY A 133 5.76 -6.32 5.80
C GLY A 133 6.89 -6.53 6.82
N LEU A 134 8.08 -6.85 6.30
CA LEU A 134 9.24 -7.16 7.17
C LEU A 134 9.41 -6.08 8.22
N THR A 135 9.76 -6.49 9.43
CA THR A 135 9.94 -5.52 10.53
C THR A 135 11.40 -5.08 10.63
N ARG A 136 12.24 -5.71 9.84
CA ARG A 136 13.63 -5.25 9.63
C ARG A 136 14.05 -5.56 8.21
N THR A 137 15.06 -4.83 7.71
CA THR A 137 15.65 -5.17 6.42
C THR A 137 16.08 -6.64 6.47
N ASN A 138 15.68 -7.41 5.45
CA ASN A 138 15.99 -8.86 5.39
C ASN A 138 15.50 -9.60 6.63
N GLY A 139 14.41 -9.10 7.23
CA GLY A 139 13.83 -9.68 8.43
C GLY A 139 12.64 -10.56 8.13
N GLN A 140 11.67 -10.57 9.02
CA GLN A 140 10.47 -11.39 8.81
C GLN A 140 9.20 -10.55 8.87
N LEU A 141 8.15 -11.09 8.25
CA LEU A 141 6.86 -10.40 8.28
C LEU A 141 6.38 -10.22 9.72
N ALA A 142 5.56 -9.20 9.92
CA ALA A 142 4.84 -9.01 11.18
C ALA A 142 3.71 -10.01 11.28
N GLN A 143 3.43 -10.48 12.48
CA GLN A 143 2.18 -11.20 12.73
C GLN A 143 1.02 -10.25 12.82
N THR A 144 1.16 -9.17 13.59
CA THR A 144 0.07 -8.21 13.78
C THR A 144 0.28 -6.97 12.90
N LEU A 145 -0.81 -6.37 12.43
CA LEU A 145 -0.69 -5.20 11.56
C LEU A 145 0.15 -4.11 12.24
N GLN A 146 1.10 -3.56 11.51
CA GLN A 146 1.94 -2.49 12.11
C GLN A 146 1.65 -1.16 11.48
N GLN A 147 1.95 -0.08 12.21
CA GLN A 147 1.88 1.28 11.66
C GLN A 147 3.17 2.01 11.98
N ALA A 148 3.61 2.90 11.09
CA ALA A 148 4.76 3.78 11.38
C ALA A 148 4.45 5.18 10.90
N TYR A 149 4.82 6.18 11.71
CA TYR A 149 4.61 7.57 11.37
C TYR A 149 5.70 7.95 10.37
N LEU A 150 5.27 8.28 9.15
CA LEU A 150 6.21 8.62 8.08
C LEU A 150 5.75 9.93 7.44
N PRO A 151 6.28 11.06 7.90
CA PRO A 151 5.89 12.37 7.30
C PRO A 151 6.35 12.46 5.85
N THR A 152 5.58 13.15 5.00
CA THR A 152 5.99 13.24 3.60
C THR A 152 7.30 14.02 3.42
N VAL A 153 7.95 13.72 2.29
CA VAL A 153 9.10 14.47 1.79
C VAL A 153 8.67 14.92 0.42
N ASP A 154 8.54 16.23 0.23
CA ASP A 154 8.02 16.76 -1.03
C ASP A 154 8.89 16.41 -2.24
N TYR A 155 8.30 16.53 -3.43
CA TYR A 155 8.96 16.08 -4.64
C TYR A 155 10.29 16.81 -4.89
N ALA A 156 10.33 18.11 -4.61
CA ALA A 156 11.57 18.88 -4.77
C ALA A 156 12.73 18.28 -3.98
N ILE A 157 12.46 17.97 -2.71
CA ILE A 157 13.46 17.39 -1.83
C ILE A 157 13.71 15.94 -2.22
N CYS A 158 12.63 15.19 -2.44
CA CYS A 158 12.78 13.75 -2.67
C CYS A 158 13.54 13.42 -3.95
N SER A 159 13.38 14.28 -4.97
CA SER A 159 14.04 14.03 -6.25
C SER A 159 15.40 14.75 -6.34
N SER A 160 15.83 15.34 -5.22
CA SER A 160 17.17 15.94 -5.16
C SER A 160 18.26 14.86 -5.11
N SER A 161 19.49 15.25 -5.44
CA SER A 161 20.58 14.28 -5.58
C SER A 161 20.90 13.42 -4.34
N SER A 162 20.82 13.99 -3.14
CA SER A 162 21.10 13.23 -1.92
C SER A 162 19.96 12.29 -1.49
N TYR A 163 18.77 12.53 -2.04
CA TYR A 163 17.64 11.63 -1.80
C TYR A 163 17.53 10.59 -2.91
N TRP A 164 16.46 10.63 -3.71
CA TRP A 164 16.27 9.65 -4.74
C TRP A 164 16.62 10.13 -6.14
N GLY A 165 17.00 11.40 -6.29
CA GLY A 165 17.25 11.96 -7.62
C GLY A 165 16.13 11.72 -8.62
N SER A 166 16.48 11.49 -9.88
CA SER A 166 15.50 11.28 -10.95
C SER A 166 14.74 9.93 -10.88
N THR A 167 15.13 9.09 -9.94
CA THR A 167 14.43 7.81 -9.70
C THR A 167 12.99 8.08 -9.26
N VAL A 168 12.79 9.17 -8.52
CA VAL A 168 11.43 9.53 -8.09
C VAL A 168 10.77 10.46 -9.12
N LYS A 169 9.50 10.18 -9.43
CA LYS A 169 8.73 10.96 -10.39
C LYS A 169 7.64 11.76 -9.66
N ASN A 170 7.06 12.74 -10.35
CA ASN A 170 6.00 13.54 -9.70
C ASN A 170 4.69 12.77 -9.52
N SER A 171 4.61 11.58 -10.12
CA SER A 171 3.51 10.64 -9.91
C SER A 171 3.69 9.80 -8.65
N MET A 172 4.67 10.16 -7.82
CA MET A 172 4.93 9.38 -6.60
C MET A 172 4.91 10.29 -5.40
N VAL A 173 4.69 9.68 -4.23
CA VAL A 173 4.79 10.37 -2.95
C VAL A 173 5.95 9.71 -2.21
N CYS A 174 6.81 10.52 -1.59
CA CYS A 174 7.85 10.01 -0.72
C CYS A 174 7.47 10.25 0.74
N ALA A 175 7.85 9.33 1.64
CA ALA A 175 7.58 9.59 3.05
C ALA A 175 8.57 8.87 3.94
N GLY A 176 9.02 9.56 4.98
CA GLY A 176 9.95 8.96 5.93
C GLY A 176 11.38 9.34 5.59
N GLY A 177 12.23 8.32 5.50
CA GLY A 177 13.66 8.54 5.21
C GLY A 177 14.50 8.90 6.42
N ASP A 178 13.98 8.65 7.63
CA ASP A 178 14.74 9.00 8.85
C ASP A 178 15.76 7.95 9.28
N GLY A 179 15.83 6.84 8.56
CA GLY A 179 16.80 5.78 8.86
C GLY A 179 16.36 4.79 9.92
N VAL A 180 15.17 5.02 10.50
CA VAL A 180 14.64 4.23 11.60
C VAL A 180 13.32 3.53 11.19
N ARG A 181 12.43 4.30 10.58
CA ARG A 181 11.06 3.86 10.23
C ARG A 181 10.87 3.82 8.73
N SER A 182 10.16 2.80 8.22
CA SER A 182 10.04 2.69 6.76
C SER A 182 9.07 1.58 6.42
N GLY A 183 8.61 1.56 5.19
CA GLY A 183 8.01 0.30 4.70
C GLY A 183 9.10 -0.71 4.43
N CYS A 184 8.71 -1.95 4.16
CA CYS A 184 9.68 -3.01 3.85
C CYS A 184 8.93 -4.10 3.08
N GLN A 185 9.65 -5.11 2.61
CA GLN A 185 8.99 -6.09 1.74
C GLN A 185 7.75 -6.68 2.36
N GLY A 186 6.68 -6.78 1.58
CA GLY A 186 5.41 -7.24 2.15
C GLY A 186 4.42 -6.12 2.49
N ASP A 187 4.93 -4.89 2.55
CA ASP A 187 4.03 -3.71 2.73
C ASP A 187 3.57 -3.21 1.39
N SER A 188 4.30 -3.53 0.32
CA SER A 188 3.97 -3.08 -1.05
C SER A 188 2.47 -3.23 -1.32
N GLY A 189 1.90 -2.24 -2.01
CA GLY A 189 0.50 -2.32 -2.40
C GLY A 189 -0.44 -1.75 -1.35
N GLY A 190 0.05 -1.67 -0.11
CA GLY A 190 -0.79 -1.16 0.97
C GLY A 190 -0.84 0.36 0.99
N PRO A 191 -1.63 0.90 1.91
CA PRO A 191 -1.88 2.33 2.03
C PRO A 191 -0.79 3.16 2.74
N LEU A 192 -0.68 4.42 2.31
CA LEU A 192 -0.10 5.48 3.13
C LEU A 192 -1.28 6.38 3.47
N HIS A 193 -1.60 6.47 4.77
CA HIS A 193 -2.78 7.21 5.24
C HIS A 193 -2.31 8.58 5.72
N CYS A 194 -2.82 9.66 5.13
CA CYS A 194 -2.35 10.99 5.51
C CYS A 194 -3.50 11.85 6.00
N LEU A 195 -3.24 12.61 7.06
CA LEU A 195 -4.27 13.43 7.70
C LEU A 195 -4.39 14.76 6.98
N VAL A 196 -5.58 15.02 6.41
CA VAL A 196 -5.81 16.27 5.69
C VAL A 196 -7.22 16.77 6.05
N ASN A 197 -7.31 18.02 6.53
CA ASN A 197 -8.60 18.60 6.94
C ASN A 197 -9.34 17.66 7.90
N GLY A 198 -8.61 17.08 8.84
CA GLY A 198 -9.21 16.28 9.91
C GLY A 198 -9.52 14.83 9.56
N GLN A 199 -9.34 14.47 8.28
CA GLN A 199 -9.71 13.15 7.79
C GLN A 199 -8.47 12.42 7.22
N TYR A 200 -8.28 11.16 7.59
CA TYR A 200 -7.21 10.36 6.98
C TYR A 200 -7.71 9.94 5.60
N ALA A 201 -6.83 10.08 4.60
CA ALA A 201 -7.12 9.57 3.30
C ALA A 201 -5.92 8.81 2.80
N VAL A 202 -6.15 7.90 1.85
CA VAL A 202 -5.07 7.05 1.34
C VAL A 202 -4.40 7.79 0.19
N HIS A 203 -3.28 8.46 0.50
CA HIS A 203 -2.55 9.20 -0.53
C HIS A 203 -1.50 8.39 -1.30
N GLY A 204 -1.10 7.23 -0.78
CA GLY A 204 -0.02 6.46 -1.45
C GLY A 204 -0.35 4.99 -1.47
N VAL A 205 0.18 4.30 -2.48
CA VAL A 205 0.19 2.84 -2.58
C VAL A 205 1.67 2.45 -2.50
N THR A 206 2.05 1.73 -1.46
CA THR A 206 3.48 1.46 -1.25
C THR A 206 4.09 0.79 -2.45
N SER A 207 5.21 1.34 -2.94
CA SER A 207 5.81 0.85 -4.18
C SER A 207 7.24 0.32 -4.05
N PHE A 208 8.17 1.15 -3.55
CA PHE A 208 9.54 0.68 -3.39
C PHE A 208 10.33 1.34 -2.28
N VAL A 209 11.39 0.63 -1.88
CA VAL A 209 12.41 1.18 -1.01
C VAL A 209 13.78 0.97 -1.69
N SER A 210 14.82 1.46 -1.05
CA SER A 210 16.20 1.32 -1.55
C SER A 210 16.63 -0.14 -1.67
N ARG A 211 17.43 -0.45 -2.69
CA ARG A 211 18.08 -1.76 -2.74
C ARG A 211 19.03 -1.99 -1.58
N LEU A 212 19.49 -0.88 -0.99
CA LEU A 212 20.44 -0.91 0.13
C LEU A 212 19.75 -1.39 1.40
N GLY A 213 18.46 -1.15 1.49
CA GLY A 213 17.69 -1.61 2.64
C GLY A 213 16.40 -0.83 2.82
N CYS A 214 15.61 -1.24 3.81
CA CYS A 214 14.30 -0.66 4.01
C CYS A 214 14.41 0.72 4.64
N ASN A 215 14.95 0.76 5.85
CA ASN A 215 15.11 2.01 6.62
C ASN A 215 16.51 2.54 6.35
N VAL A 216 16.61 3.41 5.34
CA VAL A 216 17.88 3.97 4.91
C VAL A 216 17.73 5.49 4.92
N THR A 217 18.66 6.19 5.58
CA THR A 217 18.53 7.64 5.69
C THR A 217 18.54 8.29 4.32
N ARG A 218 17.58 9.20 4.11
CA ARG A 218 17.41 9.94 2.84
C ARG A 218 17.03 9.02 1.67
N LYS A 219 16.53 7.83 2.02
CA LYS A 219 15.84 6.98 1.03
C LYS A 219 14.46 6.71 1.59
N PRO A 220 13.60 7.75 1.59
CA PRO A 220 12.24 7.53 2.10
C PRO A 220 11.51 6.46 1.30
N THR A 221 10.50 5.86 1.93
CA THR A 221 9.67 4.92 1.23
C THR A 221 8.96 5.65 0.09
N VAL A 222 8.84 4.98 -1.06
CA VAL A 222 8.21 5.60 -2.22
C VAL A 222 6.89 4.90 -2.52
N PHE A 223 5.89 5.73 -2.80
CA PHE A 223 4.50 5.32 -3.01
C PHE A 223 3.98 5.85 -4.32
N THR A 224 3.14 5.07 -4.97
CA THR A 224 2.39 5.61 -6.11
C THR A 224 1.43 6.68 -5.57
N ARG A 225 1.42 7.86 -6.21
CA ARG A 225 0.58 8.95 -5.72
C ARG A 225 -0.85 8.72 -6.14
N VAL A 226 -1.70 8.33 -5.18
CA VAL A 226 -3.08 7.99 -5.55
C VAL A 226 -3.79 9.11 -6.30
N SER A 227 -3.54 10.35 -5.89
CA SER A 227 -4.26 11.48 -6.50
C SER A 227 -3.91 11.72 -7.96
N ALA A 228 -2.86 11.06 -8.46
CA ALA A 228 -2.51 11.12 -9.89
C ALA A 228 -3.30 10.13 -10.75
N TYR A 229 -4.02 9.23 -10.08
CA TYR A 229 -4.71 8.11 -10.74
C TYR A 229 -6.22 8.07 -10.54
N ILE A 230 -6.81 9.16 -10.01
CA ILE A 230 -8.25 9.13 -9.71
C ILE A 230 -9.08 8.85 -10.96
N SER A 231 -8.77 9.54 -12.05
CA SER A 231 -9.47 9.30 -13.34
C SER A 231 -9.31 7.86 -13.81
N TRP A 232 -8.08 7.36 -13.76
CA TRP A 232 -7.82 5.98 -14.17
C TRP A 232 -8.66 5.02 -13.32
N ILE A 233 -8.60 5.18 -11.99
CA ILE A 233 -9.37 4.31 -11.06
C ILE A 233 -10.87 4.36 -11.39
N ASN A 234 -11.43 5.57 -11.50
CA ASN A 234 -12.85 5.72 -11.85
C ASN A 234 -13.18 5.05 -13.18
N ASN A 235 -12.29 5.25 -14.16
CA ASN A 235 -12.50 4.66 -15.50
C ASN A 235 -12.54 3.13 -15.44
N VAL A 236 -11.64 2.54 -14.65
CA VAL A 236 -11.63 1.06 -14.52
C VAL A 236 -12.91 0.54 -13.87
N ILE A 237 -13.28 1.15 -12.74
CA ILE A 237 -14.44 0.68 -11.98
C ILE A 237 -15.74 0.81 -12.81
N ALA A 238 -15.83 1.90 -13.57
CA ALA A 238 -16.99 2.18 -14.45
C ALA A 238 -17.12 1.21 -15.62
N SER A 239 -16.01 0.63 -16.07
CA SER A 239 -16.03 -0.22 -17.26
C SER A 239 -15.82 -1.71 -16.95
N ASN A 240 -15.76 -2.04 -15.66
CA ASN A 240 -15.64 -3.42 -15.21
C ASN A 240 -16.65 -3.73 -14.11
#